data_1S0X
#
_entry.id   1S0X
#
_cell.length_a   54.400
_cell.length_b   49.900
_cell.length_c   60.700
_cell.angle_alpha   90.00
_cell.angle_beta   97.80
_cell.angle_gamma   90.00
#
_symmetry.space_group_name_H-M   'P 1 21 1'
#
loop_
_entity.id
_entity.type
_entity.pdbx_description
1 polymer 'Nuclear receptor ROR-alpha'
2 non-polymer 'CHOLEST-5-EN-3-YL HYDROGEN SULFATE'
3 water water
#
_entity_poly.entity_id   1
_entity_poly.type   'polypeptide(L)'
_entity_poly.pdbx_seq_one_letter_code
;GSSHHHHHHLEVLFQGPAELEHLAQNISKSHLETCQYLREELQQITWQTFLQEEIENYQNKQREVMWQLCAIKITEAIQY
VVEFAKRIDGFMELCQNDQIVLLKAGSLEVVFIRMCRAFDSQNNTVYFDGKYASPDVFKSLGCEDFISFVFEFGKSLCSM
HLTEDEIALFSAFVLMSADRSWLQEKVKIEKLQQKIQLALQHVLQKNHREDGILTKLICKVSTLRALCGRHTEKLMAFKA
IYPDIVRLHFPPLYKELFTSEFEPAMQIDG
;
_entity_poly.pdbx_strand_id   A
#
loop_
_chem_comp.id
_chem_comp.type
_chem_comp.name
_chem_comp.formula
C3S non-polymer 'CHOLEST-5-EN-3-YL HYDROGEN SULFATE' 'C27 H46 O4 S'
#
# COMPACT_ATOMS: atom_id res chain seq x y z
N HIS A 8 -16.53 29.84 -22.68
CA HIS A 8 -15.53 30.55 -21.83
C HIS A 8 -16.10 30.90 -20.45
N HIS A 9 -17.05 31.83 -20.45
CA HIS A 9 -17.82 32.13 -19.25
C HIS A 9 -18.31 30.88 -18.52
N LEU A 10 -18.81 29.87 -19.24
CA LEU A 10 -19.16 28.60 -18.58
C LEU A 10 -17.90 27.89 -18.04
N GLU A 11 -16.81 27.95 -18.78
CA GLU A 11 -15.55 27.33 -18.38
C GLU A 11 -15.06 27.94 -17.07
N VAL A 12 -15.28 29.23 -16.90
CA VAL A 12 -14.86 29.91 -15.70
C VAL A 12 -15.70 29.49 -14.49
N LEU A 13 -16.98 29.26 -14.71
CA LEU A 13 -17.88 28.83 -13.66
C LEU A 13 -17.63 27.41 -13.15
N PHE A 14 -16.91 26.61 -13.93
CA PHE A 14 -16.62 25.23 -13.58
C PHE A 14 -15.17 24.97 -13.17
N GLN A 15 -14.28 25.89 -13.54
CA GLN A 15 -12.84 25.73 -13.31
C GLN A 15 -12.45 25.09 -11.98
N GLY A 16 -13.09 25.51 -10.88
CA GLY A 16 -12.75 24.96 -9.57
C GLY A 16 -12.90 23.43 -9.53
N PRO A 17 -14.11 22.97 -9.28
CA PRO A 17 -14.42 21.54 -9.22
C PRO A 17 -13.92 20.76 -10.43
N ALA A 18 -13.92 21.37 -11.61
CA ALA A 18 -13.43 20.64 -12.76
C ALA A 18 -12.03 20.16 -12.48
N GLU A 19 -11.22 21.05 -11.89
CA GLU A 19 -9.83 20.78 -11.58
C GLU A 19 -9.67 19.62 -10.58
N LEU A 20 -10.55 19.56 -9.60
CA LEU A 20 -10.51 18.49 -8.62
C LEU A 20 -10.87 17.19 -9.31
N GLU A 21 -11.88 17.26 -10.16
CA GLU A 21 -12.34 16.06 -10.86
C GLU A 21 -11.23 15.62 -11.80
N HIS A 22 -10.58 16.56 -12.46
CA HIS A 22 -9.51 16.19 -13.40
C HIS A 22 -8.40 15.44 -12.67
N LEU A 23 -7.97 15.94 -11.52
CA LEU A 23 -6.90 15.31 -10.77
C LEU A 23 -7.37 13.96 -10.19
N ALA A 24 -8.63 13.85 -9.82
CA ALA A 24 -9.10 12.56 -9.29
C ALA A 24 -9.13 11.50 -10.39
N GLN A 25 -9.48 11.93 -11.59
CA GLN A 25 -9.57 10.99 -12.71
C GLN A 25 -8.18 10.58 -13.15
N ASN A 26 -7.24 11.50 -13.07
CA ASN A 26 -5.86 11.19 -13.43
C ASN A 26 -5.26 10.11 -12.55
N ILE A 27 -5.44 10.30 -11.25
CA ILE A 27 -4.90 9.42 -10.26
C ILE A 27 -5.64 8.08 -10.29
N SER A 28 -6.95 8.12 -10.42
CA SER A 28 -7.77 6.90 -10.57
C SER A 28 -7.27 6.03 -11.67
N LYS A 29 -6.99 6.64 -12.82
CA LYS A 29 -6.52 5.92 -13.99
C LYS A 29 -5.15 5.33 -13.76
N SER A 30 -4.28 6.11 -13.15
CA SER A 30 -2.94 5.62 -12.88
C SER A 30 -3.02 4.40 -12.00
N HIS A 31 -3.90 4.43 -11.01
CA HIS A 31 -4.09 3.29 -10.13
C HIS A 31 -4.57 2.03 -10.84
N LEU A 32 -5.61 2.19 -11.66
CA LEU A 32 -6.18 1.09 -12.44
C LEU A 32 -5.13 0.43 -13.28
N GLU A 33 -4.27 1.22 -13.91
CA GLU A 33 -3.28 0.67 -14.85
C GLU A 33 -1.98 0.16 -14.22
N THR A 34 -1.80 0.34 -12.91
CA THR A 34 -0.58 -0.13 -12.24
C THR A 34 -0.82 -1.12 -11.12
N CYS A 35 -2.06 -1.58 -10.94
CA CYS A 35 -2.31 -2.66 -10.01
C CYS A 35 -2.05 -3.98 -10.73
N GLN A 36 -1.45 -4.94 -10.03
CA GLN A 36 -1.17 -6.23 -10.61
C GLN A 36 -2.47 -7.00 -10.99
N TYR A 37 -3.54 -6.86 -10.19
CA TYR A 37 -4.80 -7.58 -10.42
C TYR A 37 -6.04 -6.67 -10.38
N LEU A 38 -7.10 -7.07 -11.08
CA LEU A 38 -8.34 -6.33 -11.06
C LEU A 38 -9.12 -6.66 -9.80
N ARG A 39 -9.77 -5.64 -9.25
CA ARG A 39 -10.52 -5.78 -8.04
C ARG A 39 -11.47 -6.93 -8.18
N GLU A 40 -12.22 -6.90 -9.28
CA GLU A 40 -13.26 -7.88 -9.52
C GLU A 40 -12.67 -9.30 -9.59
N GLU A 41 -11.53 -9.45 -10.28
CA GLU A 41 -10.83 -10.75 -10.32
C GLU A 41 -10.59 -11.26 -8.88
N LEU A 42 -9.99 -10.41 -8.05
CA LEU A 42 -9.60 -10.76 -6.69
C LEU A 42 -10.80 -11.16 -5.84
N GLN A 43 -11.92 -10.46 -6.01
CA GLN A 43 -13.15 -10.74 -5.26
C GLN A 43 -13.80 -12.08 -5.62
N GLN A 44 -13.64 -12.52 -6.85
CA GLN A 44 -14.30 -13.73 -7.32
C GLN A 44 -13.59 -15.03 -6.89
N ILE A 45 -12.36 -14.93 -6.40
CA ILE A 45 -11.61 -16.11 -5.95
C ILE A 45 -11.22 -16.12 -4.47
N THR A 46 -11.94 -15.40 -3.60
CA THR A 46 -11.64 -15.42 -2.16
C THR A 46 -11.84 -16.79 -1.57
N TRP A 47 -12.64 -17.64 -2.23
CA TRP A 47 -12.85 -19.00 -1.72
C TRP A 47 -11.65 -19.92 -1.93
N GLN A 48 -10.77 -19.53 -2.85
CA GLN A 48 -9.57 -20.32 -3.14
C GLN A 48 -8.54 -20.10 -2.05
N THR A 49 -8.75 -20.70 -0.88
CA THR A 49 -7.79 -20.61 0.22
C THR A 49 -6.87 -21.83 0.11
N PHE A 50 -5.70 -21.76 0.72
CA PHE A 50 -4.79 -22.89 0.72
C PHE A 50 -5.46 -24.08 1.44
N LEU A 51 -5.17 -25.27 1.00
CA LEU A 51 -5.71 -26.47 1.64
C LEU A 51 -4.85 -26.76 2.85
N GLN A 52 -5.40 -27.53 3.78
CA GLN A 52 -4.67 -27.82 5.02
C GLN A 52 -3.24 -28.35 4.76
N GLU A 53 -3.06 -29.16 3.72
CA GLU A 53 -1.78 -29.76 3.40
C GLU A 53 -0.77 -28.68 3.00
N GLU A 54 -1.24 -27.75 2.19
CA GLU A 54 -0.44 -26.63 1.75
C GLU A 54 -0.10 -25.73 2.96
N ILE A 55 -1.04 -25.57 3.88
CA ILE A 55 -0.81 -24.73 5.05
C ILE A 55 0.34 -25.34 5.86
N GLU A 56 0.25 -26.63 6.12
CA GLU A 56 1.31 -27.36 6.85
C GLU A 56 2.68 -27.21 6.17
N ASN A 57 2.74 -27.40 4.86
CA ASN A 57 3.98 -27.19 4.16
C ASN A 57 4.58 -25.80 4.44
N TYR A 58 3.77 -24.74 4.38
CA TYR A 58 4.32 -23.42 4.65
C TYR A 58 4.77 -23.38 6.08
N GLN A 59 4.04 -24.05 6.97
CA GLN A 59 4.42 -24.08 8.37
C GLN A 59 5.66 -24.93 8.59
N ASN A 60 5.92 -25.87 7.70
CA ASN A 60 7.13 -26.69 7.81
C ASN A 60 8.41 -25.98 7.33
N LYS A 61 8.25 -24.92 6.50
CA LYS A 61 9.40 -24.20 5.97
C LYS A 61 10.14 -23.51 7.09
N GLN A 62 11.45 -23.39 6.89
CA GLN A 62 12.33 -22.75 7.86
C GLN A 62 12.14 -21.26 7.83
N ARG A 63 12.42 -20.63 8.97
CA ARG A 63 12.28 -19.20 9.09
C ARG A 63 12.88 -18.43 7.93
N GLU A 64 14.13 -18.69 7.59
CA GLU A 64 14.79 -17.90 6.57
C GLU A 64 14.15 -18.14 5.21
N VAL A 65 13.63 -19.32 5.02
CA VAL A 65 12.96 -19.71 3.78
C VAL A 65 11.63 -18.96 3.59
N MET A 66 10.80 -18.90 4.63
CA MET A 66 9.53 -18.18 4.57
C MET A 66 9.79 -16.68 4.39
N TRP A 67 10.77 -16.14 5.08
CA TRP A 67 11.12 -14.75 4.90
C TRP A 67 11.54 -14.44 3.44
N GLN A 68 12.35 -15.28 2.81
CA GLN A 68 12.78 -15.00 1.45
C GLN A 68 11.61 -14.96 0.49
N LEU A 69 10.70 -15.90 0.69
CA LEU A 69 9.51 -16.01 -0.13
C LEU A 69 8.65 -14.76 0.01
N CYS A 70 8.31 -14.37 1.23
CA CYS A 70 7.54 -13.15 1.45
C CYS A 70 8.22 -11.91 0.85
N ALA A 71 9.53 -11.82 0.99
CA ALA A 71 10.23 -10.68 0.45
C ALA A 71 10.14 -10.66 -1.08
N ILE A 72 10.27 -11.82 -1.74
CA ILE A 72 10.07 -11.88 -3.18
C ILE A 72 8.67 -11.43 -3.53
N LYS A 73 7.66 -11.96 -2.86
CA LYS A 73 6.28 -11.61 -3.17
C LYS A 73 6.00 -10.10 -2.94
N ILE A 74 6.47 -9.55 -1.83
CA ILE A 74 6.32 -8.11 -1.53
C ILE A 74 7.08 -7.24 -2.50
N THR A 75 8.23 -7.70 -2.93
CA THR A 75 8.98 -6.93 -3.89
C THR A 75 8.21 -6.80 -5.22
N GLU A 76 7.52 -7.86 -5.65
CA GLU A 76 6.68 -7.77 -6.85
C GLU A 76 5.61 -6.66 -6.73
N ALA A 77 4.89 -6.64 -5.62
CA ALA A 77 3.89 -5.61 -5.41
C ALA A 77 4.49 -4.19 -5.38
N ILE A 78 5.65 -4.04 -4.75
CA ILE A 78 6.35 -2.76 -4.74
C ILE A 78 6.73 -2.27 -6.15
N GLN A 79 7.10 -3.19 -7.03
CA GLN A 79 7.42 -2.81 -8.39
C GLN A 79 6.25 -2.12 -9.05
N TYR A 80 5.05 -2.61 -8.78
CA TYR A 80 3.83 -1.99 -9.29
C TYR A 80 3.54 -0.64 -8.65
N VAL A 81 3.86 -0.48 -7.38
CA VAL A 81 3.67 0.81 -6.71
C VAL A 81 4.66 1.86 -7.26
N VAL A 82 5.87 1.44 -7.65
CA VAL A 82 6.82 2.39 -8.25
C VAL A 82 6.28 2.92 -9.62
N GLU A 83 5.58 2.05 -10.37
CA GLU A 83 4.94 2.47 -11.62
C GLU A 83 3.82 3.46 -11.32
N PHE A 84 3.04 3.22 -10.29
CA PHE A 84 2.07 4.21 -9.87
C PHE A 84 2.72 5.60 -9.58
N ALA A 85 3.76 5.65 -8.74
CA ALA A 85 4.42 6.89 -8.39
C ALA A 85 4.85 7.66 -9.65
N LYS A 86 5.51 6.98 -10.57
CA LYS A 86 5.97 7.65 -11.78
C LYS A 86 4.92 8.49 -12.47
N ARG A 87 3.67 8.04 -12.42
CA ARG A 87 2.59 8.69 -13.09
C ARG A 87 1.89 9.75 -12.28
N ILE A 88 2.30 9.95 -11.04
CA ILE A 88 1.66 10.96 -10.22
C ILE A 88 2.28 12.30 -10.63
N ASP A 89 1.40 13.24 -10.95
CA ASP A 89 1.87 14.53 -11.45
C ASP A 89 2.59 15.32 -10.38
N GLY A 90 3.87 15.56 -10.61
CA GLY A 90 4.71 16.27 -9.66
C GLY A 90 5.84 15.41 -9.15
N PHE A 91 5.63 14.10 -9.17
CA PHE A 91 6.60 13.20 -8.58
C PHE A 91 7.86 13.19 -9.41
N MET A 92 7.69 13.15 -10.74
CA MET A 92 8.79 13.15 -11.65
C MET A 92 9.50 14.51 -11.74
N GLU A 93 8.85 15.58 -11.29
CA GLU A 93 9.51 16.89 -11.24
C GLU A 93 10.42 17.07 -10.02
N LEU A 94 10.33 16.18 -9.05
CA LEU A 94 11.15 16.33 -7.84
C LEU A 94 12.58 15.85 -8.09
N CYS A 95 13.52 16.31 -7.27
CA CYS A 95 14.90 15.85 -7.37
C CYS A 95 14.95 14.35 -7.05
N GLN A 96 15.85 13.63 -7.72
CA GLN A 96 15.96 12.19 -7.51
C GLN A 96 15.97 11.84 -6.02
N ASN A 97 16.57 12.74 -5.24
CA ASN A 97 16.71 12.54 -3.82
C ASN A 97 15.37 12.48 -3.10
N ASP A 98 14.49 13.42 -3.43
CA ASP A 98 13.18 13.43 -2.83
C ASP A 98 12.33 12.29 -3.40
N GLN A 99 12.49 11.95 -4.67
CA GLN A 99 11.82 10.80 -5.24
C GLN A 99 12.13 9.54 -4.41
N ILE A 100 13.41 9.37 -4.11
CA ILE A 100 13.89 8.21 -3.35
C ILE A 100 13.37 8.16 -1.93
N VAL A 101 13.42 9.29 -1.24
CA VAL A 101 12.93 9.37 0.14
C VAL A 101 11.44 9.03 0.25
N LEU A 102 10.65 9.50 -0.71
CA LEU A 102 9.21 9.23 -0.70
C LEU A 102 8.90 7.77 -0.98
N LEU A 103 9.67 7.15 -1.87
CA LEU A 103 9.48 5.73 -2.17
C LEU A 103 9.99 4.83 -1.06
N LYS A 104 11.15 5.13 -0.46
CA LYS A 104 11.64 4.30 0.64
C LYS A 104 10.64 4.36 1.76
N ALA A 105 10.05 5.53 2.01
CA ALA A 105 9.10 5.65 3.12
C ALA A 105 7.69 5.24 2.80
N GLY A 106 7.25 5.44 1.57
CA GLY A 106 5.88 5.17 1.24
C GLY A 106 5.53 3.96 0.42
N SER A 107 6.47 3.30 -0.23
CA SER A 107 6.11 2.24 -1.12
C SER A 107 5.39 1.12 -0.38
N LEU A 108 5.87 0.75 0.79
CA LEU A 108 5.21 -0.30 1.59
C LEU A 108 3.86 0.12 2.09
N GLU A 109 3.71 1.38 2.51
CA GLU A 109 2.41 1.87 2.94
C GLU A 109 1.39 1.72 1.81
N VAL A 110 1.79 2.01 0.57
CA VAL A 110 0.83 1.88 -0.53
C VAL A 110 0.49 0.41 -0.75
N VAL A 111 1.45 -0.48 -0.52
CA VAL A 111 1.20 -1.92 -0.64
C VAL A 111 0.11 -2.33 0.36
N PHE A 112 0.21 -1.88 1.60
CA PHE A 112 -0.77 -2.26 2.60
C PHE A 112 -2.13 -1.63 2.36
N ILE A 113 -2.15 -0.47 1.73
CA ILE A 113 -3.42 0.10 1.32
C ILE A 113 -3.99 -0.80 0.23
N ARG A 114 -3.25 -1.05 -0.83
CA ARG A 114 -3.72 -1.95 -1.89
C ARG A 114 -4.12 -3.35 -1.39
N MET A 115 -3.52 -3.78 -0.29
CA MET A 115 -3.88 -5.06 0.31
C MET A 115 -5.38 -5.19 0.52
N CYS A 116 -6.08 -4.11 0.79
CA CYS A 116 -7.51 -4.22 1.04
C CYS A 116 -8.29 -4.73 -0.17
N ARG A 117 -7.77 -4.58 -1.39
CA ARG A 117 -8.45 -5.08 -2.57
C ARG A 117 -8.29 -6.59 -2.69
N ALA A 118 -7.33 -7.13 -1.95
CA ALA A 118 -6.96 -8.50 -2.03
C ALA A 118 -7.09 -9.13 -0.67
N PHE A 119 -8.07 -8.69 0.08
CA PHE A 119 -8.24 -9.16 1.43
C PHE A 119 -9.70 -9.51 1.65
N ASP A 120 -9.94 -10.66 2.25
CA ASP A 120 -11.28 -11.16 2.55
C ASP A 120 -11.54 -10.93 4.06
N SER A 121 -12.25 -9.86 4.33
CA SER A 121 -12.55 -9.48 5.72
C SER A 121 -13.37 -10.50 6.54
N GLN A 122 -14.36 -11.12 5.94
CA GLN A 122 -15.20 -12.05 6.67
C GLN A 122 -14.41 -13.25 7.14
N ASN A 123 -13.46 -13.72 6.33
CA ASN A 123 -12.69 -14.89 6.67
C ASN A 123 -11.23 -14.62 7.15
N ASN A 124 -10.82 -13.37 7.24
CA ASN A 124 -9.47 -13.01 7.67
C ASN A 124 -8.37 -13.67 6.82
N THR A 125 -8.38 -13.42 5.51
CA THR A 125 -7.42 -14.03 4.59
C THR A 125 -6.94 -13.02 3.56
N VAL A 126 -5.71 -13.22 3.11
CA VAL A 126 -5.06 -12.32 2.16
C VAL A 126 -4.51 -13.08 0.99
N TYR A 127 -4.59 -12.51 -0.20
CA TYR A 127 -4.10 -13.10 -1.42
C TYR A 127 -2.59 -13.18 -1.34
N PHE A 128 -2.03 -14.39 -1.44
CA PHE A 128 -0.61 -14.62 -1.27
C PHE A 128 -0.12 -15.88 -1.99
N ASP A 129 0.88 -15.75 -2.85
CA ASP A 129 1.39 -16.93 -3.58
C ASP A 129 0.33 -17.81 -4.30
N GLY A 130 -0.66 -17.19 -4.94
CA GLY A 130 -1.67 -17.94 -5.69
C GLY A 130 -3.00 -18.28 -5.01
N LYS A 131 -3.06 -18.17 -3.69
CA LYS A 131 -4.30 -18.50 -3.01
C LYS A 131 -4.57 -17.51 -1.87
N TYR A 132 -5.71 -17.63 -1.21
CA TYR A 132 -5.99 -16.75 -0.05
C TYR A 132 -5.45 -17.46 1.22
N ALA A 133 -4.71 -16.71 2.03
CA ALA A 133 -3.96 -17.22 3.16
C ALA A 133 -4.44 -16.64 4.46
N SER A 134 -4.59 -17.51 5.45
CA SER A 134 -4.90 -17.12 6.82
C SER A 134 -3.59 -16.77 7.48
N PRO A 135 -3.62 -16.14 8.65
CA PRO A 135 -2.39 -15.83 9.40
C PRO A 135 -1.52 -17.06 9.70
N ASP A 136 -2.14 -18.23 9.75
CA ASP A 136 -1.41 -19.47 9.98
C ASP A 136 -0.33 -19.78 8.94
N VAL A 137 -0.56 -19.34 7.71
CA VAL A 137 0.38 -19.52 6.61
C VAL A 137 1.71 -18.84 6.87
N PHE A 138 1.71 -17.80 7.70
CA PHE A 138 2.90 -17.05 8.01
C PHE A 138 3.60 -17.35 9.36
N LYS A 139 3.20 -18.42 10.01
CA LYS A 139 3.77 -18.83 11.30
C LYS A 139 5.30 -18.96 11.34
N SER A 140 5.91 -19.56 10.31
CA SER A 140 7.36 -19.72 10.24
C SER A 140 8.12 -18.43 10.20
N LEU A 141 7.47 -17.31 9.91
CA LEU A 141 8.20 -16.07 9.94
C LEU A 141 8.65 -15.74 11.36
N GLY A 142 8.01 -16.30 12.36
CA GLY A 142 8.32 -15.97 13.74
C GLY A 142 7.89 -14.56 14.14
N CYS A 143 6.81 -14.04 13.51
CA CYS A 143 6.31 -12.68 13.77
C CYS A 143 4.80 -12.64 14.00
N GLU A 144 4.30 -13.43 14.94
CA GLU A 144 2.86 -13.45 15.15
C GLU A 144 2.27 -12.05 15.36
N ASP A 145 2.91 -11.18 16.15
CA ASP A 145 2.35 -9.84 16.40
C ASP A 145 2.31 -8.93 15.17
N PHE A 146 3.41 -8.86 14.43
CA PHE A 146 3.41 -8.10 13.20
C PHE A 146 2.36 -8.65 12.18
N ILE A 147 2.24 -9.96 12.11
CA ILE A 147 1.28 -10.53 11.18
C ILE A 147 -0.13 -10.19 11.62
N SER A 148 -0.40 -10.28 12.93
CA SER A 148 -1.75 -9.95 13.41
C SER A 148 -2.12 -8.48 13.18
N PHE A 149 -1.15 -7.61 13.28
CA PHE A 149 -1.29 -6.20 12.99
C PHE A 149 -1.60 -6.01 11.48
N VAL A 150 -0.93 -6.76 10.62
CA VAL A 150 -1.20 -6.63 9.18
C VAL A 150 -2.66 -7.02 8.88
N PHE A 151 -3.09 -8.11 9.43
CA PHE A 151 -4.43 -8.58 9.14
C PHE A 151 -5.45 -7.66 9.76
N GLU A 152 -5.12 -7.09 10.91
CA GLU A 152 -6.05 -6.20 11.59
C GLU A 152 -6.23 -4.96 10.72
N PHE A 153 -5.11 -4.50 10.17
CA PHE A 153 -5.15 -3.37 9.29
C PHE A 153 -6.01 -3.66 8.04
N GLY A 154 -5.88 -4.87 7.50
CA GLY A 154 -6.63 -5.27 6.31
C GLY A 154 -8.10 -5.27 6.62
N LYS A 155 -8.45 -5.88 7.72
CA LYS A 155 -9.82 -5.87 8.18
C LYS A 155 -10.38 -4.46 8.40
N SER A 156 -9.57 -3.59 8.98
CA SER A 156 -10.05 -2.25 9.29
C SER A 156 -10.26 -1.37 8.05
N LEU A 157 -9.40 -1.50 7.05
CA LEU A 157 -9.56 -0.76 5.80
C LEU A 157 -10.74 -1.34 4.99
N CYS A 158 -10.88 -2.66 4.97
CA CYS A 158 -12.02 -3.31 4.31
C CYS A 158 -13.37 -2.87 4.87
N SER A 159 -13.46 -2.76 6.19
CA SER A 159 -14.69 -2.32 6.85
C SER A 159 -15.18 -0.96 6.36
N MET A 160 -14.35 -0.21 5.64
CA MET A 160 -14.77 1.09 5.11
C MET A 160 -15.32 0.98 3.68
N HIS A 161 -15.17 -0.18 3.04
CA HIS A 161 -15.69 -0.39 1.70
C HIS A 161 -15.31 0.78 0.82
N LEU A 162 -14.00 0.99 0.66
CA LEU A 162 -13.52 2.06 -0.16
C LEU A 162 -13.61 1.65 -1.61
N THR A 163 -13.95 2.59 -2.47
CA THR A 163 -14.03 2.34 -3.89
C THR A 163 -12.64 2.37 -4.47
N GLU A 164 -12.49 1.95 -5.72
CA GLU A 164 -11.20 1.97 -6.39
C GLU A 164 -10.62 3.39 -6.47
N ASP A 165 -11.47 4.37 -6.74
CA ASP A 165 -11.00 5.76 -6.81
C ASP A 165 -10.58 6.29 -5.45
N GLU A 166 -11.27 5.84 -4.42
CA GLU A 166 -10.93 6.23 -3.07
C GLU A 166 -9.55 5.66 -2.70
N ILE A 167 -9.31 4.41 -3.06
CA ILE A 167 -8.05 3.76 -2.74
C ILE A 167 -6.89 4.41 -3.45
N ALA A 168 -7.14 4.82 -4.69
CA ALA A 168 -6.17 5.50 -5.51
C ALA A 168 -5.75 6.84 -4.93
N LEU A 169 -6.72 7.66 -4.51
CA LEU A 169 -6.41 8.99 -4.01
C LEU A 169 -5.75 8.89 -2.64
N PHE A 170 -6.12 7.87 -1.88
CA PHE A 170 -5.52 7.69 -0.56
C PHE A 170 -4.07 7.21 -0.70
N SER A 171 -3.82 6.35 -1.68
CA SER A 171 -2.47 5.94 -2.03
C SER A 171 -1.61 7.13 -2.43
N ALA A 172 -2.12 7.97 -3.31
CA ALA A 172 -1.37 9.15 -3.74
C ALA A 172 -1.11 10.15 -2.61
N PHE A 173 -2.00 10.17 -1.63
CA PHE A 173 -1.95 11.04 -0.46
C PHE A 173 -0.80 10.65 0.50
N VAL A 174 -0.74 9.41 0.97
CA VAL A 174 0.33 8.99 1.91
C VAL A 174 1.66 8.81 1.22
N LEU A 175 1.61 8.83 -0.10
CA LEU A 175 2.84 8.71 -0.85
C LEU A 175 3.54 10.06 -0.95
N MET A 176 2.77 11.10 -1.23
CA MET A 176 3.34 12.43 -1.35
C MET A 176 3.18 13.13 -0.02
N SER A 177 3.83 12.64 1.02
CA SER A 177 3.74 13.28 2.32
C SER A 177 4.93 14.18 2.47
N ALA A 178 4.71 15.38 2.94
CA ALA A 178 5.78 16.35 3.04
C ALA A 178 6.54 16.19 4.34
N ASP A 179 6.11 15.29 5.21
CA ASP A 179 6.82 15.15 6.47
C ASP A 179 7.82 14.01 6.51
N ARG A 180 8.07 13.32 5.42
CA ARG A 180 9.12 12.33 5.48
C ARG A 180 10.42 13.07 5.82
N SER A 181 11.29 12.43 6.61
CA SER A 181 12.57 13.03 6.95
C SER A 181 13.42 13.12 5.72
N TRP A 182 14.28 14.14 5.73
CA TRP A 182 15.32 14.35 4.76
C TRP A 182 14.84 14.82 3.40
N LEU A 183 13.64 15.37 3.32
CA LEU A 183 13.15 15.95 2.06
C LEU A 183 13.68 17.38 1.82
N GLN A 184 14.10 17.67 0.59
CA GLN A 184 14.58 19.01 0.24
C GLN A 184 13.44 19.96 -0.08
N GLU A 185 12.52 19.55 -0.94
CA GLU A 185 11.42 20.41 -1.35
C GLU A 185 10.14 20.20 -0.58
N LYS A 186 10.15 20.50 0.72
CA LYS A 186 8.98 20.31 1.57
C LYS A 186 7.79 21.15 1.12
N VAL A 187 8.04 22.37 0.68
CA VAL A 187 6.96 23.27 0.28
C VAL A 187 6.23 22.81 -1.00
N LYS A 188 6.95 22.38 -2.02
CA LYS A 188 6.30 21.88 -3.25
C LYS A 188 5.51 20.58 -2.95
N ILE A 189 6.12 19.66 -2.22
CA ILE A 189 5.44 18.41 -1.92
C ILE A 189 4.21 18.69 -1.09
N GLU A 190 4.32 19.62 -0.15
CA GLU A 190 3.16 20.01 0.65
C GLU A 190 2.02 20.58 -0.21
N LYS A 191 2.32 21.47 -1.15
CA LYS A 191 1.27 22.01 -2.00
C LYS A 191 0.59 20.90 -2.81
N LEU A 192 1.37 19.91 -3.26
CA LEU A 192 0.81 18.75 -3.99
C LEU A 192 -0.11 17.86 -3.11
N GLN A 193 0.30 17.60 -1.87
CA GLN A 193 -0.52 16.76 -1.02
C GLN A 193 -1.84 17.41 -0.73
N GLN A 194 -1.82 18.73 -0.57
CA GLN A 194 -3.04 19.49 -0.30
C GLN A 194 -4.05 19.34 -1.44
N LYS A 195 -3.60 19.43 -2.68
CA LYS A 195 -4.48 19.22 -3.80
C LYS A 195 -5.07 17.82 -3.79
N ILE A 196 -4.19 16.81 -3.62
CA ILE A 196 -4.62 15.43 -3.60
C ILE A 196 -5.66 15.26 -2.51
N GLN A 197 -5.46 15.90 -1.37
CA GLN A 197 -6.40 15.76 -0.27
C GLN A 197 -7.77 16.39 -0.57
N LEU A 198 -7.80 17.48 -1.34
CA LEU A 198 -9.07 18.10 -1.66
C LEU A 198 -9.79 17.19 -2.63
N ALA A 199 -9.01 16.62 -3.54
CA ALA A 199 -9.55 15.66 -4.49
C ALA A 199 -10.10 14.40 -3.78
N LEU A 200 -9.39 13.97 -2.75
CA LEU A 200 -9.84 12.79 -2.01
C LEU A 200 -11.16 13.07 -1.31
N GLN A 201 -11.26 14.23 -0.67
CA GLN A 201 -12.48 14.64 0.03
C GLN A 201 -13.63 14.73 -0.96
N HIS A 202 -13.36 15.32 -2.11
CA HIS A 202 -14.31 15.41 -3.20
C HIS A 202 -14.92 14.02 -3.50
N VAL A 203 -14.08 13.04 -3.72
CA VAL A 203 -14.56 11.69 -4.07
C VAL A 203 -15.16 10.93 -2.90
N LEU A 204 -14.74 11.27 -1.69
CA LEU A 204 -15.29 10.61 -0.52
C LEU A 204 -16.74 11.04 -0.35
N GLN A 205 -17.00 12.34 -0.45
CA GLN A 205 -18.35 12.87 -0.26
C GLN A 205 -19.29 12.51 -1.42
N LYS A 206 -18.73 12.18 -2.57
CA LYS A 206 -19.53 11.77 -3.71
C LYS A 206 -20.37 10.54 -3.40
N ASN A 207 -19.88 9.70 -2.50
CA ASN A 207 -20.48 8.40 -2.21
C ASN A 207 -21.17 8.30 -0.86
N HIS A 208 -20.65 8.99 0.16
CA HIS A 208 -21.21 8.86 1.50
C HIS A 208 -21.10 10.14 2.34
N ARG A 209 -21.70 11.22 1.86
CA ARG A 209 -21.76 12.43 2.68
C ARG A 209 -22.46 12.03 4.00
N GLU A 210 -22.69 10.71 4.14
CA GLU A 210 -23.31 10.10 5.32
C GLU A 210 -22.49 10.29 6.59
N ASP A 211 -21.18 10.49 6.43
CA ASP A 211 -20.28 10.67 7.54
C ASP A 211 -19.17 11.64 7.10
N GLY A 212 -18.04 11.62 7.81
CA GLY A 212 -16.87 12.40 7.46
C GLY A 212 -15.67 11.51 7.64
N ILE A 213 -15.67 10.40 6.89
CA ILE A 213 -14.69 9.31 7.02
C ILE A 213 -13.29 9.72 6.62
N LEU A 214 -13.17 10.87 5.97
CA LEU A 214 -11.87 11.39 5.59
C LEU A 214 -10.96 11.41 6.82
N THR A 215 -11.53 11.72 7.98
CA THR A 215 -10.75 11.80 9.22
C THR A 215 -10.37 10.40 9.71
N LYS A 216 -11.30 9.47 9.64
CA LYS A 216 -11.02 8.07 10.00
C LYS A 216 -9.98 7.46 9.04
N LEU A 217 -9.99 7.94 7.79
CA LEU A 217 -9.03 7.50 6.81
C LEU A 217 -7.67 8.14 7.09
N ILE A 218 -7.65 9.44 7.32
CA ILE A 218 -6.41 10.15 7.60
C ILE A 218 -5.85 9.67 8.93
N CYS A 219 -6.72 9.16 9.77
CA CYS A 219 -6.30 8.55 11.03
C CYS A 219 -5.44 7.31 10.77
N LYS A 220 -5.72 6.59 9.68
CA LYS A 220 -5.01 5.36 9.36
C LYS A 220 -3.59 5.65 8.98
N VAL A 221 -3.38 6.86 8.46
CA VAL A 221 -2.08 7.24 8.05
C VAL A 221 -1.10 6.98 9.13
N SER A 222 -1.46 7.33 10.35
CA SER A 222 -0.53 7.09 11.45
C SER A 222 -0.37 5.59 11.70
N THR A 223 -1.39 4.79 11.41
CA THR A 223 -1.26 3.36 11.68
C THR A 223 -0.31 2.72 10.69
N LEU A 224 -0.33 3.21 9.44
CA LEU A 224 0.52 2.70 8.38
C LEU A 224 1.98 2.90 8.66
N ARG A 225 2.32 4.04 9.26
CA ARG A 225 3.70 4.36 9.59
C ARG A 225 4.20 3.42 10.68
N ALA A 226 3.33 3.09 11.63
CA ALA A 226 3.71 2.17 12.68
C ALA A 226 3.81 0.75 12.09
N LEU A 227 2.91 0.41 11.18
CA LEU A 227 3.02 -0.91 10.54
C LEU A 227 4.31 -1.02 9.74
N CYS A 228 4.63 -0.01 8.93
CA CYS A 228 5.86 -0.04 8.17
C CYS A 228 7.09 0.05 9.09
N GLY A 229 6.92 0.67 10.25
CA GLY A 229 8.00 0.76 11.22
C GLY A 229 8.30 -0.60 11.81
N ARG A 230 7.27 -1.36 12.13
CA ARG A 230 7.55 -2.66 12.66
C ARG A 230 8.24 -3.55 11.62
N HIS A 231 7.83 -3.45 10.36
CA HIS A 231 8.45 -4.26 9.34
C HIS A 231 9.93 -4.03 9.38
N THR A 232 10.35 -2.76 9.44
CA THR A 232 11.76 -2.46 9.41
C THR A 232 12.47 -3.08 10.62
N GLU A 233 11.80 -3.11 11.77
CA GLU A 233 12.41 -3.62 12.98
C GLU A 233 12.58 -5.11 12.87
N LYS A 234 11.55 -5.78 12.39
CA LYS A 234 11.64 -7.21 12.25
C LYS A 234 12.72 -7.56 11.25
N LEU A 235 12.80 -6.81 10.17
CA LEU A 235 13.77 -7.12 9.13
C LEU A 235 15.20 -6.95 9.65
N MET A 236 15.46 -5.87 10.39
CA MET A 236 16.79 -5.70 10.99
C MET A 236 17.03 -6.83 11.99
N ALA A 237 16.03 -7.29 12.73
CA ALA A 237 16.28 -8.40 13.65
C ALA A 237 16.63 -9.70 12.91
N PHE A 238 15.99 -9.90 11.76
CA PHE A 238 16.22 -11.08 10.95
C PHE A 238 17.59 -10.99 10.30
N LYS A 239 17.96 -9.80 9.86
CA LYS A 239 19.23 -9.64 9.19
C LYS A 239 20.43 -9.82 10.14
N ALA A 240 20.21 -9.70 11.44
CA ALA A 240 21.30 -9.88 12.38
C ALA A 240 21.63 -11.36 12.55
N ILE A 241 20.66 -12.21 12.24
CA ILE A 241 20.84 -13.64 12.41
C ILE A 241 21.14 -14.36 11.10
N TYR A 242 20.75 -13.77 9.97
CA TYR A 242 20.94 -14.40 8.67
C TYR A 242 21.51 -13.41 7.65
N PRO A 243 22.64 -12.81 7.97
CA PRO A 243 23.18 -11.75 7.12
C PRO A 243 23.42 -12.20 5.68
N ASP A 244 23.86 -13.43 5.50
CA ASP A 244 24.19 -13.90 4.15
C ASP A 244 22.96 -14.30 3.36
N ILE A 245 21.90 -14.72 4.04
CA ILE A 245 20.64 -15.02 3.37
C ILE A 245 20.15 -13.71 2.75
N VAL A 246 20.18 -12.64 3.53
CA VAL A 246 19.71 -11.37 3.03
C VAL A 246 20.57 -10.92 1.89
N ARG A 247 21.87 -11.03 2.05
CA ARG A 247 22.80 -10.54 1.04
C ARG A 247 22.71 -11.33 -0.24
N LEU A 248 22.73 -12.66 -0.14
CA LEU A 248 22.74 -13.50 -1.36
C LEU A 248 21.38 -13.90 -1.92
N HIS A 249 20.33 -13.89 -1.10
CA HIS A 249 19.03 -14.40 -1.61
C HIS A 249 17.82 -13.44 -1.54
N PHE A 250 17.97 -12.27 -0.97
CA PHE A 250 16.87 -11.33 -0.96
C PHE A 250 16.89 -10.51 -2.24
N PRO A 251 15.73 -10.10 -2.72
CA PRO A 251 15.65 -9.30 -3.94
C PRO A 251 16.35 -7.95 -3.76
N PRO A 252 17.12 -7.54 -4.76
CA PRO A 252 17.88 -6.28 -4.72
C PRO A 252 17.06 -5.04 -4.44
N LEU A 253 15.86 -4.94 -4.98
CA LEU A 253 15.03 -3.76 -4.74
C LEU A 253 14.58 -3.68 -3.30
N TYR A 254 14.28 -4.83 -2.68
CA TYR A 254 13.91 -4.91 -1.26
C TYR A 254 15.09 -4.49 -0.39
N LYS A 255 16.28 -4.96 -0.72
CA LYS A 255 17.50 -4.55 -0.02
C LYS A 255 17.71 -3.05 -0.11
N GLU A 256 17.59 -2.47 -1.31
CA GLU A 256 17.78 -1.05 -1.52
C GLU A 256 16.78 -0.23 -0.74
N LEU A 257 15.55 -0.73 -0.62
CA LEU A 257 14.51 0.02 0.05
C LEU A 257 14.50 -0.09 1.56
N PHE A 258 14.98 -1.20 2.12
CA PHE A 258 14.72 -1.45 3.53
C PHE A 258 15.95 -1.75 4.39
C65 C3S B . 8.54 -9.69 6.69
C63 C3S B . 7.61 -9.46 5.46
C69 C3S B . 8.40 -9.93 4.22
C60 C3S B . 6.28 -10.21 5.67
C57 C3S B . 5.02 -9.74 4.87
C54 C3S B . 4.04 -10.93 4.61
C48 C3S B . 2.66 -10.55 3.98
C50 C3S B . 2.01 -9.41 4.81
C38 C3S B . 2.85 -10.00 2.55
C35 C3S B . 3.69 -10.99 1.68
C29 C3S B . 1.62 -9.63 1.67
C26 C3S B . 0.91 -8.26 1.86
C40 C3S B . 0.53 -10.75 1.75
C30 C3S B . 2.30 -9.56 0.28
C32 C3S B . 3.26 -10.76 0.20
C18 C3S B . 1.25 -9.48 -0.86
C15 C3S B . 1.97 -9.54 -2.23
C20 C3S B . 0.44 -8.18 -0.71
C23 C3S B . -0.16 -8.06 0.74
C22 C3S B . -0.60 -7.94 -1.86
C44 C3S B . -1.91 -8.74 -1.56
C12 C3S B . -0.02 -8.35 -3.21
C9 C3S B . -0.77 -7.95 -4.47
C13 C3S B . 1.11 -9.07 -3.36
C1 C3S B . -0.97 -6.45 -1.96
C4 C3S B . -1.91 -6.15 -3.17
C7 C3S B . -1.24 -6.49 -4.51
O6 C3S B . -2.19 -6.50 -5.59
S1 C3S B . -2.47 -5.32 -6.51
O3 C3S B . -3.42 -5.72 -7.55
O2 C3S B . -1.26 -4.74 -7.06
O4 C3S B . -3.12 -4.32 -5.63
#